data_9DQW
#
_entry.id   9DQW
#
_cell.length_a   65.441
_cell.length_b   65.441
_cell.length_c   135.609
_cell.angle_alpha   90.00
_cell.angle_beta   90.00
_cell.angle_gamma   90.00
#
_symmetry.space_group_name_H-M   'P 41'
#
loop_
_entity.id
_entity.type
_entity.pdbx_description
1 polymer 'UDP-N-acetylmuramoylalanine--D-glutamate ligase'
2 non-polymer 'MAGNESIUM ION'
3 non-polymer "URIDINE-5'-DIPHOSPHATE-N-ACETYLMURAMOYL-L-ALANINE"
4 non-polymer 'CHLORIDE ION'
5 non-polymer 'PHOSPHOAMINOPHOSPHONIC ACID-ADENYLATE ESTER'
6 non-polymer '4-(2-HYDROXYETHYL)-1-PIPERAZINE ETHANESULFONIC ACID'
7 non-polymer GLYCEROL
8 non-polymer 'SULFATE ION'
9 water water
#
_entity_poly.entity_id   1
_entity_poly.type   'polypeptide(L)'
_entity_poly.pdbx_seq_one_letter_code
;MADYQGKNVVIIGLGLTGLSCVDFFLARGVTPRVMDTRMTPPGLDKLPEAVERHTGSLNDEWLMAADLIVASPGIALAHP
SLSAAADAGIEIVGDIELFCREAQAPIVAITGSNGKSTVTTLVGEMAKAAGVNVGVGGNIGLPALMLLDDECELYVLELS
SFQLETTSSLQAVAATILNVTEDHMDRYPFGLQQYRAA(KCX)LRIYENAKVCVVNADDALTMPIRGADERCVSFGVNMG
DYHLNHQQGETWLRVKGEKVLNVKEMKLSGQHNYTNALAALALADAAGLPRASSLKALTTFTGLPHRFEVVLEHNGVRWI
NDSKATNVGSTEAALNGLHVDGTLHLLLGGDGKSADFSPLARYLNGDNVRLYCFGRDGAQLAALRPEVAEQTETMEQAMR
LLAPRVQPGDMVLLSPACASLDQFKNFEQRGNEFARLAKELGGHHHHHH
;
_entity_poly.pdbx_strand_id   A
#
loop_
_chem_comp.id
_chem_comp.type
_chem_comp.name
_chem_comp.formula
ANP non-polymer 'PHOSPHOAMINOPHOSPHONIC ACID-ADENYLATE ESTER' 'C10 H17 N6 O12 P3'
CL non-polymer 'CHLORIDE ION' 'Cl -1'
EPE non-polymer '4-(2-HYDROXYETHYL)-1-PIPERAZINE ETHANESULFONIC ACID' 'C8 H18 N2 O4 S'
GOL non-polymer GLYCEROL 'C3 H8 O3'
MG non-polymer 'MAGNESIUM ION' 'Mg 2'
SO4 non-polymer 'SULFATE ION' 'O4 S -2'
#
# COMPACT_ATOMS: atom_id res chain seq x y z
N ALA A 2 -24.10 6.23 -12.92
CA ALA A 2 -23.63 7.19 -13.95
C ALA A 2 -23.92 6.65 -15.35
N ASP A 3 -24.01 7.53 -16.33
CA ASP A 3 -24.38 7.17 -17.70
C ASP A 3 -23.28 7.65 -18.63
N TYR A 4 -22.63 6.71 -19.31
CA TYR A 4 -21.53 7.01 -20.21
C TYR A 4 -21.89 6.79 -21.69
N GLN A 5 -23.16 6.56 -21.98
CA GLN A 5 -23.56 6.20 -23.34
C GLN A 5 -23.23 7.32 -24.31
N GLY A 6 -22.61 6.95 -25.42
CA GLY A 6 -22.29 7.89 -26.48
C GLY A 6 -21.13 8.82 -26.20
N LYS A 7 -20.47 8.67 -25.06
CA LYS A 7 -19.37 9.56 -24.72
CA LYS A 7 -19.36 9.55 -24.68
C LYS A 7 -18.05 9.05 -25.29
N ASN A 8 -17.14 9.98 -25.56
CA ASN A 8 -15.79 9.71 -26.02
C ASN A 8 -14.93 9.54 -24.77
N VAL A 9 -14.56 8.30 -24.45
CA VAL A 9 -13.87 7.97 -23.20
C VAL A 9 -12.43 7.57 -23.55
N VAL A 10 -11.47 8.18 -22.87
CA VAL A 10 -10.05 7.90 -23.07
C VAL A 10 -9.48 7.44 -21.74
N ILE A 11 -8.81 6.28 -21.74
CA ILE A 11 -8.18 5.72 -20.56
C ILE A 11 -6.67 5.92 -20.71
N ILE A 12 -6.03 6.41 -19.65
CA ILE A 12 -4.57 6.54 -19.61
C ILE A 12 -4.00 5.46 -18.70
N GLY A 13 -3.14 4.63 -19.26
CA GLY A 13 -2.46 3.59 -18.53
C GLY A 13 -2.90 2.22 -19.00
N LEU A 14 -1.95 1.42 -19.46
CA LEU A 14 -2.23 0.07 -19.93
C LEU A 14 -1.64 -0.94 -18.95
N GLY A 15 -1.96 -0.77 -17.68
CA GLY A 15 -1.62 -1.72 -16.65
C GLY A 15 -2.88 -2.36 -16.08
N LEU A 16 -2.81 -2.80 -14.83
CA LEU A 16 -3.94 -3.50 -14.21
C LEU A 16 -5.16 -2.61 -14.17
N THR A 17 -4.98 -1.37 -13.73
CA THR A 17 -6.12 -0.46 -13.63
C THR A 17 -6.72 -0.19 -14.99
N GLY A 18 -5.88 0.15 -15.97
CA GLY A 18 -6.41 0.51 -17.27
C GLY A 18 -7.19 -0.62 -17.90
N LEU A 19 -6.70 -1.86 -17.76
CA LEU A 19 -7.42 -3.01 -18.32
C LEU A 19 -8.75 -3.21 -17.62
N SER A 20 -8.79 -3.02 -16.30
CA SER A 20 -10.07 -3.13 -15.60
C SER A 20 -11.06 -2.09 -16.08
N CYS A 21 -10.59 -0.89 -16.41
CA CYS A 21 -11.45 0.17 -16.93
C CYS A 21 -11.92 -0.14 -18.34
N VAL A 22 -11.05 -0.70 -19.18
CA VAL A 22 -11.48 -1.13 -20.51
C VAL A 22 -12.65 -2.10 -20.39
N ASP A 23 -12.51 -3.10 -19.52
CA ASP A 23 -13.58 -4.11 -19.38
C ASP A 23 -14.85 -3.47 -18.85
N PHE A 24 -14.72 -2.53 -17.92
CA PHE A 24 -15.88 -1.87 -17.34
C PHE A 24 -16.70 -1.14 -18.40
N PHE A 25 -16.03 -0.36 -19.26
CA PHE A 25 -16.76 0.37 -20.29
C PHE A 25 -17.33 -0.55 -21.35
N LEU A 26 -16.56 -1.54 -21.78
CA LEU A 26 -17.06 -2.43 -22.82
C LEU A 26 -18.30 -3.19 -22.36
N ALA A 27 -18.36 -3.53 -21.07
CA ALA A 27 -19.52 -4.26 -20.55
C ALA A 27 -20.78 -3.39 -20.52
N ARG A 28 -20.61 -2.07 -20.60
CA ARG A 28 -21.70 -1.10 -20.66
CA ARG A 28 -21.72 -1.14 -20.66
C ARG A 28 -21.98 -0.63 -22.07
N GLY A 29 -21.31 -1.21 -23.07
CA GLY A 29 -21.54 -0.83 -24.44
C GLY A 29 -20.77 0.39 -24.91
N VAL A 30 -19.72 0.79 -24.18
CA VAL A 30 -18.93 1.96 -24.50
C VAL A 30 -17.54 1.48 -24.89
N THR A 31 -17.09 1.83 -26.10
CA THR A 31 -15.76 1.44 -26.53
C THR A 31 -14.80 2.57 -26.26
N PRO A 32 -13.89 2.44 -25.29
CA PRO A 32 -12.95 3.50 -24.98
C PRO A 32 -11.73 3.38 -25.88
N ARG A 33 -10.91 4.41 -25.83
CA ARG A 33 -9.57 4.37 -26.41
C ARG A 33 -8.59 4.40 -25.25
N VAL A 34 -7.39 3.82 -25.44
CA VAL A 34 -6.41 3.67 -24.38
CA VAL A 34 -6.42 3.72 -24.36
C VAL A 34 -5.06 4.21 -24.84
N MET A 35 -4.36 4.94 -23.97
CA MET A 35 -3.01 5.40 -24.25
C MET A 35 -2.10 5.18 -23.05
N ASP A 36 -0.79 5.17 -23.31
CA ASP A 36 0.21 5.00 -22.25
C ASP A 36 1.49 5.66 -22.74
N THR A 37 2.24 6.32 -21.83
CA THR A 37 3.49 6.95 -22.25
C THR A 37 4.58 5.94 -22.59
N ARG A 38 4.50 4.71 -22.10
CA ARG A 38 5.52 3.72 -22.36
C ARG A 38 5.30 3.12 -23.74
N MET A 39 6.39 2.83 -24.43
CA MET A 39 6.27 2.19 -25.74
C MET A 39 5.68 0.79 -25.62
N THR A 40 6.07 0.03 -24.60
CA THR A 40 5.65 -1.36 -24.46
C THR A 40 5.13 -1.58 -23.04
N PRO A 41 3.93 -1.08 -22.74
CA PRO A 41 3.37 -1.24 -21.38
C PRO A 41 2.94 -2.67 -21.12
N PRO A 42 2.85 -3.05 -19.85
CA PRO A 42 2.66 -4.48 -19.55
C PRO A 42 1.33 -5.04 -20.02
N GLY A 43 0.29 -4.22 -20.11
CA GLY A 43 -1.01 -4.73 -20.50
C GLY A 43 -1.25 -4.77 -21.98
N LEU A 44 -0.26 -4.37 -22.79
CA LEU A 44 -0.47 -4.21 -24.23
C LEU A 44 -1.05 -5.47 -24.85
N ASP A 45 -0.46 -6.62 -24.57
CA ASP A 45 -0.89 -7.84 -25.23
C ASP A 45 -2.16 -8.43 -24.64
N LYS A 46 -2.72 -7.85 -23.58
CA LYS A 46 -3.98 -8.32 -23.00
C LYS A 46 -5.18 -7.48 -23.44
N LEU A 47 -4.97 -6.52 -24.28
CA LEU A 47 -6.02 -5.59 -24.65
C LEU A 47 -6.92 -6.22 -25.71
N PRO A 48 -8.25 -6.12 -25.57
CA PRO A 48 -9.14 -6.61 -26.63
C PRO A 48 -8.84 -5.97 -27.98
N GLU A 49 -9.06 -6.75 -29.05
CA GLU A 49 -8.63 -6.34 -30.39
C GLU A 49 -9.41 -5.13 -30.90
N ALA A 50 -10.63 -4.91 -30.41
CA ALA A 50 -11.44 -3.81 -30.91
C ALA A 50 -11.10 -2.47 -30.30
N VAL A 51 -10.20 -2.42 -29.32
CA VAL A 51 -9.91 -1.18 -28.61
C VAL A 51 -8.71 -0.50 -29.26
N GLU A 52 -8.89 0.74 -29.69
CA GLU A 52 -7.79 1.50 -30.26
C GLU A 52 -6.80 1.84 -29.16
N ARG A 53 -5.50 1.78 -29.48
CA ARG A 53 -4.48 2.06 -28.49
C ARG A 53 -3.37 2.92 -29.09
N HIS A 54 -2.78 3.72 -28.20
CA HIS A 54 -1.69 4.62 -28.55
C HIS A 54 -0.60 4.48 -27.49
N THR A 55 0.63 4.17 -27.92
CA THR A 55 1.74 4.00 -26.99
C THR A 55 2.88 4.95 -27.33
N GLY A 56 3.75 5.11 -26.33
CA GLY A 56 4.98 5.88 -26.47
C GLY A 56 4.89 7.34 -26.09
N SER A 57 3.69 7.82 -25.75
CA SER A 57 3.44 9.23 -25.45
C SER A 57 1.96 9.33 -25.11
N LEU A 58 1.58 10.45 -24.52
CA LEU A 58 0.15 10.78 -24.48
C LEU A 58 -0.25 11.45 -25.78
N ASN A 59 -1.42 11.09 -26.27
CA ASN A 59 -1.94 11.59 -27.54
C ASN A 59 -2.88 12.77 -27.27
N ASP A 60 -2.41 13.99 -27.58
CA ASP A 60 -3.20 15.18 -27.30
C ASP A 60 -4.44 15.28 -28.19
N GLU A 61 -4.41 14.73 -29.40
CA GLU A 61 -5.61 14.70 -30.23
C GLU A 61 -6.72 13.91 -29.54
N TRP A 62 -6.38 12.82 -28.88
CA TRP A 62 -7.40 12.02 -28.19
C TRP A 62 -7.83 12.67 -26.88
N LEU A 63 -6.88 13.19 -26.11
CA LEU A 63 -7.23 13.81 -24.83
C LEU A 63 -8.12 15.02 -25.03
N MET A 64 -7.76 15.90 -25.97
CA MET A 64 -8.54 17.13 -26.15
C MET A 64 -9.88 16.89 -26.81
N ALA A 65 -10.10 15.71 -27.39
CA ALA A 65 -11.37 15.31 -27.95
C ALA A 65 -12.28 14.61 -26.96
N ALA A 66 -11.76 14.23 -25.80
CA ALA A 66 -12.49 13.36 -24.88
C ALA A 66 -13.63 14.08 -24.19
N ASP A 67 -14.69 13.32 -23.89
CA ASP A 67 -15.70 13.73 -22.94
C ASP A 67 -15.33 13.32 -21.51
N LEU A 68 -14.55 12.26 -21.36
CA LEU A 68 -14.17 11.75 -20.05
C LEU A 68 -12.79 11.14 -20.20
N ILE A 69 -11.88 11.53 -19.31
CA ILE A 69 -10.55 10.96 -19.24
C ILE A 69 -10.48 10.15 -17.97
N VAL A 70 -10.08 8.88 -18.08
CA VAL A 70 -9.95 7.99 -16.93
C VAL A 70 -8.47 7.71 -16.73
N ALA A 71 -7.90 8.26 -15.66
CA ALA A 71 -6.45 8.23 -15.44
C ALA A 71 -6.10 7.15 -14.44
N SER A 72 -5.25 6.23 -14.85
CA SER A 72 -4.68 5.27 -13.93
C SER A 72 -3.88 6.01 -12.86
N PRO A 73 -3.73 5.43 -11.67
CA PRO A 73 -3.00 6.14 -10.61
C PRO A 73 -1.54 6.42 -10.93
N GLY A 74 -0.93 5.66 -11.83
CA GLY A 74 0.45 5.83 -12.20
C GLY A 74 0.74 6.99 -13.12
N ILE A 75 -0.25 7.70 -13.65
CA ILE A 75 0.01 8.91 -14.43
C ILE A 75 -0.28 10.13 -13.55
N ALA A 76 0.66 11.08 -13.54
CA ALA A 76 0.47 12.31 -12.77
C ALA A 76 -0.56 13.24 -13.43
N LEU A 77 -1.49 13.76 -12.63
CA LEU A 77 -2.34 14.85 -13.12
C LEU A 77 -1.52 16.05 -13.60
N ALA A 78 -0.30 16.22 -13.11
CA ALA A 78 0.55 17.31 -13.52
C ALA A 78 1.26 17.07 -14.84
N HIS A 79 1.10 15.88 -15.44
CA HIS A 79 1.65 15.69 -16.77
C HIS A 79 1.13 16.81 -17.68
N PRO A 80 2.00 17.48 -18.45
CA PRO A 80 1.53 18.65 -19.21
C PRO A 80 0.31 18.40 -20.09
N SER A 81 0.19 17.22 -20.70
CA SER A 81 -0.95 16.95 -21.57
C SER A 81 -2.23 16.79 -20.77
N LEU A 82 -2.13 16.16 -19.60
CA LEU A 82 -3.30 15.96 -18.76
C LEU A 82 -3.70 17.25 -18.06
N SER A 83 -2.70 18.06 -17.68
CA SER A 83 -2.97 19.37 -17.14
C SER A 83 -3.65 20.27 -18.17
N ALA A 84 -3.24 20.18 -19.44
CA ALA A 84 -3.90 20.96 -20.48
C ALA A 84 -5.35 20.56 -20.64
N ALA A 85 -5.65 19.25 -20.57
CA ALA A 85 -7.04 18.82 -20.67
C ALA A 85 -7.86 19.34 -19.49
N ALA A 86 -7.29 19.31 -18.30
CA ALA A 86 -7.97 19.86 -17.13
C ALA A 86 -8.24 21.34 -17.29
N ASP A 87 -7.26 22.08 -17.84
CA ASP A 87 -7.45 23.52 -18.08
C ASP A 87 -8.61 23.80 -19.01
N ALA A 88 -8.86 22.89 -19.95
CA ALA A 88 -9.96 23.01 -20.90
C ALA A 88 -11.28 22.56 -20.32
N GLY A 89 -11.29 22.11 -19.07
CA GLY A 89 -12.52 21.71 -18.43
C GLY A 89 -12.95 20.29 -18.76
N ILE A 90 -12.05 19.47 -19.26
CA ILE A 90 -12.41 18.08 -19.57
C ILE A 90 -12.38 17.27 -18.29
N GLU A 91 -13.43 16.49 -18.05
CA GLU A 91 -13.55 15.75 -16.80
C GLU A 91 -12.51 14.64 -16.74
N ILE A 92 -11.79 14.58 -15.62
CA ILE A 92 -10.78 13.56 -15.35
C ILE A 92 -11.16 12.83 -14.07
N VAL A 93 -11.24 11.51 -14.13
CA VAL A 93 -11.55 10.65 -12.99
C VAL A 93 -10.59 9.48 -13.00
N GLY A 94 -10.60 8.69 -11.92
CA GLY A 94 -9.89 7.42 -11.86
C GLY A 94 -10.85 6.27 -11.67
N ASP A 95 -10.29 5.04 -11.58
CA ASP A 95 -11.13 3.86 -11.41
C ASP A 95 -11.90 3.87 -10.09
N ILE A 96 -11.31 4.42 -9.04
CA ILE A 96 -12.01 4.46 -7.75
C ILE A 96 -13.24 5.37 -7.85
N GLU A 97 -13.13 6.49 -8.57
CA GLU A 97 -14.30 7.34 -8.81
C GLU A 97 -15.38 6.57 -9.56
N LEU A 98 -15.01 5.89 -10.64
CA LEU A 98 -15.97 5.10 -11.40
C LEU A 98 -16.65 4.08 -10.48
N PHE A 99 -15.87 3.44 -9.60
CA PHE A 99 -16.40 2.47 -8.65
C PHE A 99 -17.41 3.10 -7.70
N CYS A 100 -17.05 4.24 -7.10
CA CYS A 100 -17.92 4.87 -6.11
C CYS A 100 -19.26 5.26 -6.70
N ARG A 101 -19.28 5.63 -7.99
CA ARG A 101 -20.52 6.01 -8.65
C ARG A 101 -21.45 4.83 -8.84
N GLU A 102 -20.94 3.60 -8.80
CA GLU A 102 -21.76 2.41 -8.99
C GLU A 102 -22.03 1.63 -7.72
N ALA A 103 -21.19 1.75 -6.70
CA ALA A 103 -21.29 0.84 -5.57
C ALA A 103 -22.60 1.04 -4.83
N GLN A 104 -23.19 -0.07 -4.41
CA GLN A 104 -24.48 -0.09 -3.72
C GLN A 104 -24.39 -0.77 -2.36
N ALA A 105 -23.20 -0.78 -1.77
CA ALA A 105 -23.02 -1.22 -0.40
C ALA A 105 -22.10 -0.22 0.27
N PRO A 106 -22.11 -0.16 1.60
CA PRO A 106 -21.22 0.75 2.31
C PRO A 106 -19.77 0.44 2.00
N ILE A 107 -18.94 1.49 2.05
CA ILE A 107 -17.51 1.41 1.76
C ILE A 107 -16.71 1.80 3.00
N VAL A 108 -15.82 0.91 3.44
CA VAL A 108 -14.75 1.24 4.37
C VAL A 108 -13.50 1.56 3.55
N ALA A 109 -12.89 2.73 3.80
CA ALA A 109 -11.80 3.23 2.98
C ALA A 109 -10.56 3.48 3.83
N ILE A 110 -9.42 2.94 3.40
CA ILE A 110 -8.20 2.90 4.20
C ILE A 110 -7.04 3.44 3.38
N THR A 111 -6.39 4.48 3.87
CA THR A 111 -5.12 4.95 3.30
C THR A 111 -4.11 5.13 4.42
N GLY A 112 -2.92 5.58 4.05
CA GLY A 112 -1.80 5.73 4.96
C GLY A 112 -0.51 5.32 4.27
N SER A 113 0.61 5.72 4.85
CA SER A 113 1.90 5.41 4.23
C SER A 113 2.31 3.97 4.47
N ASN A 114 1.86 3.36 5.56
CA ASN A 114 2.13 1.97 5.81
CA ASN A 114 2.23 2.00 5.96
C ASN A 114 1.03 1.36 6.66
N GLY A 115 0.87 0.04 6.49
CA GLY A 115 -0.17 -0.69 7.19
C GLY A 115 -1.47 -0.85 6.44
N LYS A 116 -1.61 -0.24 5.26
CA LYS A 116 -2.91 -0.22 4.58
C LYS A 116 -3.41 -1.61 4.23
N SER A 117 -2.57 -2.46 3.64
CA SER A 117 -3.06 -3.77 3.23
C SER A 117 -3.40 -4.65 4.42
N THR A 118 -2.62 -4.54 5.48
CA THR A 118 -2.89 -5.32 6.69
C THR A 118 -4.23 -4.90 7.30
N VAL A 119 -4.46 -3.59 7.45
CA VAL A 119 -5.73 -3.13 8.00
C VAL A 119 -6.89 -3.47 7.07
N THR A 120 -6.72 -3.29 5.76
CA THR A 120 -7.76 -3.62 4.78
C THR A 120 -8.13 -5.10 4.87
N THR A 121 -7.12 -5.96 4.91
CA THR A 121 -7.39 -7.40 4.99
C THR A 121 -8.04 -7.77 6.30
N LEU A 122 -7.59 -7.18 7.41
CA LEU A 122 -8.21 -7.44 8.72
C LEU A 122 -9.69 -7.08 8.71
N VAL A 123 -10.04 -5.88 8.20
CA VAL A 123 -11.46 -5.53 8.18
C VAL A 123 -12.25 -6.52 7.33
N GLY A 124 -11.69 -6.94 6.20
CA GLY A 124 -12.33 -7.97 5.41
C GLY A 124 -12.55 -9.26 6.18
N GLU A 125 -11.55 -9.68 6.97
CA GLU A 125 -11.69 -10.89 7.76
C GLU A 125 -12.73 -10.73 8.87
N MET A 126 -12.81 -9.54 9.45
CA MET A 126 -13.84 -9.26 10.44
C MET A 126 -15.21 -9.37 9.82
N ALA A 127 -15.37 -8.87 8.60
CA ALA A 127 -16.65 -8.99 7.91
C ALA A 127 -16.98 -10.45 7.61
N LYS A 128 -16.02 -11.22 7.10
CA LYS A 128 -16.25 -12.62 6.83
C LYS A 128 -16.65 -13.38 8.09
N ALA A 129 -16.01 -13.07 9.21
CA ALA A 129 -16.33 -13.76 10.45
C ALA A 129 -17.75 -13.48 10.92
N ALA A 130 -18.33 -12.36 10.51
CA ALA A 130 -19.70 -12.01 10.82
C ALA A 130 -20.69 -12.55 9.79
N GLY A 131 -20.22 -13.25 8.78
CA GLY A 131 -21.11 -13.77 7.76
C GLY A 131 -21.50 -12.77 6.72
N VAL A 132 -20.76 -11.67 6.58
CA VAL A 132 -21.05 -10.61 5.63
C VAL A 132 -20.35 -10.91 4.31
N ASN A 133 -21.08 -10.72 3.21
CA ASN A 133 -20.51 -10.86 1.86
C ASN A 133 -19.71 -9.59 1.59
N VAL A 134 -18.39 -9.72 1.59
CA VAL A 134 -17.49 -8.57 1.56
C VAL A 134 -16.62 -8.62 0.32
N GLY A 135 -16.40 -7.46 -0.29
CA GLY A 135 -15.45 -7.33 -1.39
C GLY A 135 -14.29 -6.46 -0.94
N VAL A 136 -13.08 -7.00 -1.10
CA VAL A 136 -11.85 -6.35 -0.64
C VAL A 136 -10.98 -6.07 -1.88
N GLY A 137 -10.59 -4.82 -2.08
CA GLY A 137 -9.76 -4.52 -3.23
C GLY A 137 -9.25 -3.10 -3.20
N GLY A 138 -8.90 -2.62 -4.39
CA GLY A 138 -8.20 -1.36 -4.53
C GLY A 138 -6.71 -1.52 -4.68
N ASN A 139 -5.95 -0.63 -4.04
CA ASN A 139 -4.50 -0.61 -4.17
C ASN A 139 -3.83 -1.87 -3.66
N ILE A 140 -4.54 -2.68 -2.86
CA ILE A 140 -4.05 -3.97 -2.42
C ILE A 140 -3.78 -4.93 -3.58
N GLY A 141 -4.39 -4.70 -4.74
CA GLY A 141 -4.01 -5.43 -5.94
C GLY A 141 -5.13 -6.04 -6.74
N LEU A 142 -6.36 -5.98 -6.25
CA LEU A 142 -7.55 -6.42 -7.00
C LEU A 142 -8.28 -5.15 -7.41
N PRO A 143 -8.24 -4.77 -8.67
CA PRO A 143 -8.83 -3.48 -9.07
C PRO A 143 -10.30 -3.38 -8.65
N ALA A 144 -10.65 -2.22 -8.08
CA ALA A 144 -11.94 -2.10 -7.40
C ALA A 144 -13.12 -2.37 -8.32
N LEU A 145 -13.05 -1.99 -9.59
CA LEU A 145 -14.18 -2.24 -10.50
C LEU A 145 -14.49 -3.72 -10.61
N MET A 146 -13.51 -4.59 -10.36
CA MET A 146 -13.77 -6.02 -10.42
C MET A 146 -14.53 -6.53 -9.21
N LEU A 147 -14.73 -5.71 -8.19
CA LEU A 147 -15.50 -6.12 -7.03
C LEU A 147 -17.00 -5.92 -7.20
N LEU A 148 -17.43 -5.08 -8.13
CA LEU A 148 -18.84 -4.70 -8.18
C LEU A 148 -19.73 -5.92 -8.32
N ASP A 149 -20.67 -6.06 -7.38
CA ASP A 149 -21.48 -7.28 -7.28
C ASP A 149 -22.73 -6.89 -6.52
N ASP A 150 -23.90 -7.13 -7.13
CA ASP A 150 -25.16 -6.75 -6.48
C ASP A 150 -25.39 -7.48 -5.16
N GLU A 151 -24.68 -8.58 -4.91
CA GLU A 151 -24.82 -9.31 -3.66
C GLU A 151 -23.82 -8.89 -2.60
N CYS A 152 -22.85 -8.05 -2.95
CA CYS A 152 -21.88 -7.61 -1.95
CA CYS A 152 -21.87 -7.59 -1.96
C CYS A 152 -22.57 -6.70 -0.94
N GLU A 153 -22.27 -6.94 0.34
CA GLU A 153 -22.90 -6.22 1.44
C GLU A 153 -21.97 -5.19 2.08
N LEU A 154 -20.69 -5.21 1.74
CA LEU A 154 -19.72 -4.29 2.30
C LEU A 154 -18.51 -4.32 1.39
N TYR A 155 -17.97 -3.16 1.07
CA TYR A 155 -16.73 -3.06 0.33
C TYR A 155 -15.66 -2.49 1.25
N VAL A 156 -14.46 -3.05 1.17
CA VAL A 156 -13.30 -2.55 1.91
C VAL A 156 -12.24 -2.21 0.87
N LEU A 157 -11.92 -0.92 0.75
CA LEU A 157 -10.99 -0.44 -0.25
C LEU A 157 -9.71 0.07 0.40
N GLU A 158 -8.58 -0.46 -0.07
CA GLU A 158 -7.29 0.15 0.17
C GLU A 158 -7.08 1.22 -0.89
N LEU A 159 -6.80 2.44 -0.46
CA LEU A 159 -6.68 3.57 -1.39
C LEU A 159 -5.31 4.21 -1.24
N SER A 160 -4.69 4.52 -2.38
CA SER A 160 -3.45 5.28 -2.37
C SER A 160 -3.72 6.77 -2.49
N SER A 161 -2.71 7.58 -2.16
CA SER A 161 -2.79 9.01 -2.43
C SER A 161 -3.09 9.28 -3.90
N PHE A 162 -2.48 8.52 -4.83
CA PHE A 162 -2.72 8.75 -6.25
C PHE A 162 -4.18 8.53 -6.60
N GLN A 163 -4.78 7.45 -6.09
CA GLN A 163 -6.18 7.17 -6.39
C GLN A 163 -7.07 8.25 -5.80
N LEU A 164 -6.76 8.70 -4.59
CA LEU A 164 -7.58 9.74 -3.97
C LEU A 164 -7.55 11.06 -4.75
N GLU A 165 -6.43 11.39 -5.40
CA GLU A 165 -6.35 12.64 -6.14
C GLU A 165 -7.45 12.73 -7.20
N THR A 166 -7.84 11.58 -7.78
CA THR A 166 -8.82 11.57 -8.87
C THR A 166 -10.20 11.15 -8.43
N THR A 167 -10.47 11.13 -7.13
CA THR A 167 -11.73 10.65 -6.60
C THR A 167 -12.48 11.78 -5.92
N SER A 168 -13.75 11.96 -6.29
CA SER A 168 -14.59 13.04 -5.77
C SER A 168 -15.89 12.56 -5.15
N SER A 169 -16.31 11.32 -5.39
CA SER A 169 -17.63 10.84 -4.97
C SER A 169 -17.58 9.78 -3.88
N LEU A 170 -16.45 9.63 -3.20
CA LEU A 170 -16.37 8.68 -2.09
C LEU A 170 -17.09 9.24 -0.88
N GLN A 171 -18.02 8.46 -0.34
CA GLN A 171 -18.69 8.80 0.92
C GLN A 171 -18.59 7.54 1.79
N ALA A 172 -17.47 7.36 2.46
CA ALA A 172 -17.23 6.14 3.20
C ALA A 172 -18.06 6.09 4.48
N VAL A 173 -18.47 4.89 4.84
CA VAL A 173 -19.08 4.70 6.16
C VAL A 173 -18.03 4.87 7.24
N ALA A 174 -16.78 4.53 6.94
CA ALA A 174 -15.68 4.74 7.87
C ALA A 174 -14.41 4.86 7.04
N ALA A 175 -13.57 5.85 7.37
CA ALA A 175 -12.35 6.12 6.62
C ALA A 175 -11.22 6.41 7.59
N THR A 176 -10.01 6.00 7.21
CA THR A 176 -8.82 6.28 7.99
C THR A 176 -7.64 6.70 7.13
N ILE A 177 -6.80 7.57 7.68
CA ILE A 177 -5.40 7.72 7.31
C ILE A 177 -4.60 7.13 8.46
N LEU A 178 -3.91 6.00 8.22
CA LEU A 178 -3.23 5.31 9.30
C LEU A 178 -2.03 6.08 9.83
N ASN A 179 -1.30 6.76 8.94
CA ASN A 179 -0.07 7.45 9.25
C ASN A 179 0.35 8.18 7.99
N VAL A 180 1.21 9.19 8.13
CA VAL A 180 1.75 9.94 7.00
C VAL A 180 3.25 10.08 7.20
N THR A 181 4.03 9.39 6.37
CA THR A 181 5.48 9.54 6.36
C THR A 181 5.91 9.65 4.90
N GLU A 182 7.07 10.25 4.67
CA GLU A 182 7.47 10.57 3.30
C GLU A 182 7.36 9.38 2.37
N ASP A 183 6.70 9.59 1.23
CA ASP A 183 6.66 8.60 0.16
C ASP A 183 6.24 9.33 -1.10
N HIS A 184 6.52 8.71 -2.24
CA HIS A 184 6.07 9.20 -3.54
C HIS A 184 6.49 10.63 -3.84
N MET A 185 7.65 11.04 -3.35
CA MET A 185 8.04 12.43 -3.53
C MET A 185 8.33 12.75 -4.99
N ASP A 186 8.65 11.73 -5.80
CA ASP A 186 8.79 11.93 -7.23
C ASP A 186 7.48 12.36 -7.88
N ARG A 187 6.35 12.21 -7.20
CA ARG A 187 5.04 12.61 -7.70
C ARG A 187 4.46 13.82 -6.97
N TYR A 188 5.14 14.35 -5.95
CA TYR A 188 4.62 15.43 -5.11
C TYR A 188 5.69 16.51 -4.98
N PRO A 189 5.83 17.36 -6.00
CA PRO A 189 6.90 18.37 -6.00
C PRO A 189 6.69 19.49 -5.01
N PHE A 190 5.52 19.58 -4.36
CA PHE A 190 5.31 20.45 -3.22
C PHE A 190 5.42 19.71 -1.89
N GLY A 191 6.03 18.54 -1.91
CA GLY A 191 6.53 17.88 -0.72
C GLY A 191 5.47 17.20 0.13
N LEU A 192 5.84 17.02 1.39
CA LEU A 192 5.06 16.18 2.30
C LEU A 192 3.64 16.69 2.45
N GLN A 193 3.45 18.01 2.57
CA GLN A 193 2.07 18.48 2.78
C GLN A 193 1.20 18.30 1.54
N GLN A 194 1.77 18.26 0.33
CA GLN A 194 0.98 17.98 -0.87
C GLN A 194 0.53 16.53 -0.89
N TYR A 195 1.45 15.62 -0.52
CA TYR A 195 1.11 14.21 -0.37
C TYR A 195 0.04 14.03 0.70
N ARG A 196 0.19 14.70 1.85
CA ARG A 196 -0.85 14.63 2.88
C ARG A 196 -2.19 15.10 2.35
N ALA A 197 -2.21 16.20 1.61
CA ALA A 197 -3.47 16.75 1.13
C ALA A 197 -4.24 15.74 0.30
N ALA A 198 -3.53 14.95 -0.49
CA ALA A 198 -4.18 13.92 -1.28
C ALA A 198 -4.88 12.92 -0.35
N KCX A 199 -4.20 12.46 0.68
CA KCX A 199 -4.78 11.50 1.61
CB KCX A 199 -3.73 11.01 2.59
CG KCX A 199 -2.64 10.19 1.95
CD KCX A 199 -1.83 9.35 2.96
CE KCX A 199 -0.77 8.46 2.32
NZ KCX A 199 -1.30 7.46 1.42
C KCX A 199 -5.97 12.08 2.37
O KCX A 199 -6.92 11.36 2.65
CX KCX A 199 -0.51 6.59 0.62
OQ1 KCX A 199 -1.10 5.81 -0.16
OQ2 KCX A 199 0.75 6.66 0.76
N LEU A 200 -5.90 13.36 2.72
CA LEU A 200 -6.98 13.99 3.48
C LEU A 200 -8.32 13.96 2.74
N ARG A 201 -8.29 13.80 1.42
CA ARG A 201 -9.53 13.65 0.64
C ARG A 201 -10.37 12.46 1.09
N ILE A 202 -9.76 11.45 1.73
CA ILE A 202 -10.50 10.24 2.10
C ILE A 202 -11.58 10.54 3.13
N TYR A 203 -11.41 11.60 3.90
CA TYR A 203 -12.37 11.93 4.95
C TYR A 203 -13.55 12.75 4.44
N GLU A 204 -13.49 13.29 3.23
CA GLU A 204 -14.57 14.15 2.76
C GLU A 204 -15.85 13.32 2.63
N ASN A 205 -16.90 13.76 3.30
CA ASN A 205 -18.18 13.07 3.32
C ASN A 205 -18.13 11.68 3.95
N ALA A 206 -17.11 11.37 4.72
CA ALA A 206 -17.09 10.13 5.49
C ALA A 206 -17.98 10.26 6.72
N LYS A 207 -18.70 9.18 7.05
CA LYS A 207 -19.56 9.20 8.22
C LYS A 207 -18.76 9.19 9.51
N VAL A 208 -17.73 8.34 9.58
CA VAL A 208 -16.83 8.25 10.72
C VAL A 208 -15.41 8.35 10.21
N CYS A 209 -14.58 9.17 10.85
CA CYS A 209 -13.17 9.27 10.54
C CYS A 209 -12.37 8.66 11.67
N VAL A 210 -11.48 7.75 11.34
CA VAL A 210 -10.63 7.05 12.29
C VAL A 210 -9.22 7.61 12.12
N VAL A 211 -8.72 8.30 13.14
CA VAL A 211 -7.47 9.04 13.09
C VAL A 211 -6.48 8.40 14.07
N ASN A 212 -5.20 8.65 13.80
CA ASN A 212 -4.11 8.16 14.64
C ASN A 212 -3.74 9.26 15.63
N ALA A 213 -4.00 9.01 16.91
CA ALA A 213 -3.73 10.01 17.94
C ALA A 213 -2.25 10.32 18.05
N ASP A 214 -1.39 9.46 17.54
CA ASP A 214 0.06 9.66 17.61
C ASP A 214 0.63 10.29 16.33
N ASP A 215 -0.21 10.65 15.37
CA ASP A 215 0.27 11.22 14.10
C ASP A 215 -0.66 12.36 13.69
N ALA A 216 -0.26 13.59 13.99
CA ALA A 216 -1.12 14.75 13.77
C ALA A 216 -1.46 14.94 12.30
N LEU A 217 -0.63 14.41 11.39
CA LEU A 217 -0.93 14.59 9.99
C LEU A 217 -2.11 13.75 9.54
N THR A 218 -2.56 12.79 10.35
CA THR A 218 -3.76 12.01 10.00
C THR A 218 -5.05 12.72 10.36
N MET A 219 -4.96 13.89 11.00
CA MET A 219 -6.21 14.48 11.42
CA MET A 219 -6.16 14.59 11.48
C MET A 219 -6.79 15.36 10.32
N PRO A 220 -8.15 15.33 10.20
CA PRO A 220 -8.81 15.96 9.06
C PRO A 220 -8.39 17.38 8.82
N ILE A 221 -8.86 17.82 7.65
CA ILE A 221 -8.32 18.99 7.00
C ILE A 221 -8.59 20.24 7.82
N ARG A 222 -9.78 20.34 8.42
CA ARG A 222 -10.14 21.46 9.28
C ARG A 222 -10.00 21.13 10.77
N GLY A 223 -9.47 19.97 11.12
CA GLY A 223 -9.29 19.60 12.51
C GLY A 223 -10.18 18.43 12.90
N ALA A 224 -9.82 17.79 14.01
CA ALA A 224 -10.64 16.70 14.53
C ALA A 224 -12.01 17.22 14.93
N ASP A 225 -13.06 16.47 14.53
CA ASP A 225 -14.44 16.91 14.70
C ASP A 225 -15.29 15.81 15.35
N GLU A 226 -16.61 16.01 15.41
CA GLU A 226 -17.50 15.07 16.07
C GLU A 226 -17.57 13.72 15.36
N ARG A 227 -17.06 13.62 14.15
CA ARG A 227 -17.02 12.33 13.47
C ARG A 227 -15.81 11.49 13.86
N CYS A 228 -14.86 12.07 14.60
CA CYS A 228 -13.53 11.48 14.71
C CYS A 228 -13.40 10.53 15.90
N VAL A 229 -12.93 9.34 15.61
CA VAL A 229 -12.56 8.32 16.57
C VAL A 229 -11.07 8.11 16.42
N SER A 230 -10.36 7.94 17.52
CA SER A 230 -8.91 7.84 17.46
C SER A 230 -8.40 6.49 17.95
N PHE A 231 -7.25 6.09 17.39
CA PHE A 231 -6.47 4.98 17.91
C PHE A 231 -5.05 5.47 18.17
N GLY A 232 -4.38 4.80 19.11
CA GLY A 232 -2.99 5.12 19.40
C GLY A 232 -2.40 4.13 20.38
N VAL A 233 -1.17 4.41 20.78
CA VAL A 233 -0.43 3.54 21.69
C VAL A 233 -0.88 3.79 23.13
N ASN A 234 -0.56 4.96 23.67
CA ASN A 234 -0.85 5.29 25.06
C ASN A 234 -2.07 6.17 25.23
N MET A 235 -2.69 6.59 24.12
CA MET A 235 -3.86 7.45 24.17
C MET A 235 -4.70 7.16 22.94
N GLY A 236 -5.95 7.61 22.98
CA GLY A 236 -6.90 7.31 21.93
C GLY A 236 -8.11 6.58 22.44
N ASP A 237 -9.22 6.67 21.71
CA ASP A 237 -10.40 5.89 22.05
C ASP A 237 -10.09 4.40 22.05
N TYR A 238 -9.29 3.95 21.08
CA TYR A 238 -8.77 2.60 20.96
C TYR A 238 -7.28 2.73 21.24
N HIS A 239 -6.76 2.02 22.25
CA HIS A 239 -5.34 2.14 22.54
C HIS A 239 -4.83 0.86 23.19
N LEU A 240 -3.55 0.88 23.55
CA LEU A 240 -2.87 -0.28 24.12
C LEU A 240 -2.60 -0.06 25.60
N ASN A 241 -2.45 -1.17 26.33
CA ASN A 241 -1.94 -1.11 27.68
C ASN A 241 -0.94 -2.24 27.85
N HIS A 242 0.22 -1.90 28.41
CA HIS A 242 1.34 -2.82 28.52
C HIS A 242 1.50 -3.16 30.00
N GLN A 243 0.91 -4.29 30.42
CA GLN A 243 1.09 -4.77 31.78
C GLN A 243 2.49 -5.36 31.92
N GLN A 244 2.69 -6.18 32.95
CA GLN A 244 3.96 -6.88 33.16
C GLN A 244 4.11 -7.94 32.09
N GLY A 245 4.91 -7.64 31.06
CA GLY A 245 5.17 -8.58 29.98
C GLY A 245 3.93 -9.01 29.21
N GLU A 246 3.02 -8.08 28.96
CA GLU A 246 1.72 -8.43 28.40
C GLU A 246 1.08 -7.17 27.84
N THR A 247 0.48 -7.30 26.67
CA THR A 247 -0.15 -6.17 25.99
C THR A 247 -1.60 -6.47 25.67
N TRP A 248 -2.48 -5.50 25.93
CA TRP A 248 -3.89 -5.61 25.64
C TRP A 248 -4.35 -4.49 24.70
N LEU A 249 -5.27 -4.83 23.82
CA LEU A 249 -6.09 -3.86 23.11
C LEU A 249 -7.21 -3.42 24.04
N ARG A 250 -7.41 -2.11 24.14
CA ARG A 250 -8.44 -1.54 24.99
C ARG A 250 -9.28 -0.57 24.17
N VAL A 251 -10.55 -0.49 24.51
CA VAL A 251 -11.45 0.46 23.87
C VAL A 251 -12.23 1.16 24.96
N LYS A 252 -12.05 2.47 25.06
CA LYS A 252 -12.73 3.30 26.05
C LYS A 252 -12.74 2.63 27.41
N GLY A 253 -11.55 2.36 27.93
CA GLY A 253 -11.47 1.92 29.31
C GLY A 253 -11.94 0.51 29.55
N GLU A 254 -11.85 -0.34 28.54
CA GLU A 254 -12.27 -1.73 28.65
C GLU A 254 -11.32 -2.59 27.83
N LYS A 255 -10.77 -3.66 28.44
CA LYS A 255 -9.99 -4.64 27.70
C LYS A 255 -10.87 -5.37 26.70
N VAL A 256 -10.37 -5.53 25.48
CA VAL A 256 -11.04 -6.34 24.45
C VAL A 256 -10.20 -7.50 23.93
N LEU A 257 -8.87 -7.44 24.01
CA LEU A 257 -8.07 -8.55 23.49
C LEU A 257 -6.67 -8.54 24.06
N ASN A 258 -6.25 -9.69 24.61
CA ASN A 258 -4.86 -9.92 24.96
C ASN A 258 -4.12 -10.31 23.68
N VAL A 259 -3.11 -9.53 23.29
CA VAL A 259 -2.48 -9.75 21.99
C VAL A 259 -1.75 -11.08 21.89
N LYS A 260 -1.56 -11.82 23.00
CA LYS A 260 -1.03 -13.17 22.85
C LYS A 260 -1.91 -14.03 21.97
N GLU A 261 -3.18 -13.65 21.78
CA GLU A 261 -4.09 -14.39 20.93
C GLU A 261 -3.93 -14.04 19.46
N MET A 262 -3.23 -12.96 19.14
CA MET A 262 -2.98 -12.62 17.75
C MET A 262 -1.80 -13.41 17.21
N LYS A 263 -1.79 -13.60 15.89
CA LYS A 263 -0.67 -14.24 15.23
C LYS A 263 0.35 -13.22 14.73
N LEU A 264 -0.08 -11.98 14.47
CA LEU A 264 0.82 -10.87 14.22
C LEU A 264 1.43 -10.36 15.53
N SER A 265 2.60 -9.76 15.42
CA SER A 265 3.23 -9.11 16.57
C SER A 265 3.85 -7.80 16.13
N GLY A 266 4.35 -7.06 17.12
CA GLY A 266 4.93 -5.76 16.85
C GLY A 266 3.93 -4.67 17.16
N GLN A 267 4.40 -3.60 17.81
CA GLN A 267 3.50 -2.53 18.20
C GLN A 267 2.71 -1.98 17.02
N HIS A 268 3.35 -1.82 15.86
CA HIS A 268 2.62 -1.27 14.72
C HIS A 268 1.51 -2.20 14.26
N ASN A 269 1.66 -3.51 14.43
CA ASN A 269 0.54 -4.40 14.08
C ASN A 269 -0.55 -4.37 15.14
N TYR A 270 -0.19 -4.08 16.39
CA TYR A 270 -1.24 -3.89 17.40
C TYR A 270 -2.04 -2.61 17.13
N THR A 271 -1.37 -1.52 16.71
CA THR A 271 -2.16 -0.35 16.31
C THR A 271 -2.91 -0.58 15.00
N ASN A 272 -2.37 -1.40 14.09
CA ASN A 272 -3.16 -1.79 12.93
C ASN A 272 -4.44 -2.52 13.34
N ALA A 273 -4.33 -3.41 14.33
CA ALA A 273 -5.50 -4.12 14.84
C ALA A 273 -6.52 -3.15 15.45
N LEU A 274 -6.04 -2.14 16.21
CA LEU A 274 -6.95 -1.13 16.76
C LEU A 274 -7.68 -0.37 15.66
N ALA A 275 -6.94 0.05 14.63
CA ALA A 275 -7.56 0.79 13.55
C ALA A 275 -8.60 -0.06 12.84
N ALA A 276 -8.27 -1.33 12.57
CA ALA A 276 -9.22 -2.22 11.93
C ALA A 276 -10.47 -2.40 12.78
N LEU A 277 -10.31 -2.59 14.10
CA LEU A 277 -11.46 -2.72 14.98
C LEU A 277 -12.31 -1.46 14.97
N ALA A 278 -11.68 -0.29 15.00
CA ALA A 278 -12.44 0.96 14.99
C ALA A 278 -13.25 1.08 13.71
N LEU A 279 -12.64 0.72 12.57
CA LEU A 279 -13.37 0.77 11.30
C LEU A 279 -14.53 -0.23 11.27
N ALA A 280 -14.27 -1.45 11.74
CA ALA A 280 -15.32 -2.46 11.75
C ALA A 280 -16.45 -2.07 12.67
N ASP A 281 -16.13 -1.53 13.86
CA ASP A 281 -17.17 -1.07 14.77
C ASP A 281 -18.02 0.00 14.10
N ALA A 282 -17.36 0.94 13.42
CA ALA A 282 -18.09 2.03 12.75
C ALA A 282 -18.94 1.53 11.61
N ALA A 283 -18.52 0.47 10.93
CA ALA A 283 -19.31 -0.14 9.89
C ALA A 283 -20.45 -0.99 10.43
N GLY A 284 -20.54 -1.17 11.76
CA GLY A 284 -21.61 -1.95 12.35
C GLY A 284 -21.36 -3.43 12.46
N LEU A 285 -20.15 -3.88 12.29
CA LEU A 285 -19.87 -5.30 12.41
C LEU A 285 -19.85 -5.70 13.88
N PRO A 286 -20.32 -6.90 14.23
CA PRO A 286 -20.35 -7.31 15.64
C PRO A 286 -18.95 -7.39 16.22
N ARG A 287 -18.80 -6.86 17.43
CA ARG A 287 -17.49 -6.80 18.06
C ARG A 287 -16.92 -8.19 18.26
N ALA A 288 -17.74 -9.15 18.69
CA ALA A 288 -17.23 -10.46 19.05
C ALA A 288 -16.59 -11.16 17.85
N SER A 289 -17.24 -11.11 16.69
CA SER A 289 -16.66 -11.78 15.53
C SER A 289 -15.45 -11.01 15.00
N SER A 290 -15.42 -9.69 15.18
CA SER A 290 -14.26 -8.91 14.77
C SER A 290 -13.03 -9.27 15.59
N LEU A 291 -13.22 -9.47 16.89
CA LEU A 291 -12.12 -9.90 17.75
C LEU A 291 -11.63 -11.28 17.34
N LYS A 292 -12.55 -12.19 17.02
CA LYS A 292 -12.15 -13.52 16.55
C LYS A 292 -11.24 -13.43 15.33
N ALA A 293 -11.58 -12.55 14.37
CA ALA A 293 -10.76 -12.43 13.17
C ALA A 293 -9.36 -11.92 13.48
N LEU A 294 -9.19 -11.09 14.50
CA LEU A 294 -7.84 -10.67 14.85
C LEU A 294 -6.99 -11.84 15.31
N THR A 295 -7.60 -12.90 15.81
CA THR A 295 -6.85 -14.05 16.28
C THR A 295 -6.59 -15.09 15.20
N THR A 296 -7.29 -15.03 14.07
CA THR A 296 -7.09 -16.02 13.03
C THR A 296 -6.20 -15.51 11.90
N PHE A 297 -6.05 -14.21 11.76
CA PHE A 297 -5.29 -13.67 10.64
C PHE A 297 -3.80 -13.89 10.82
N THR A 298 -3.12 -14.46 9.81
CA THR A 298 -1.73 -14.86 9.95
C THR A 298 -0.74 -13.92 9.26
N GLY A 299 -1.22 -12.92 8.55
CA GLY A 299 -0.36 -11.98 7.86
C GLY A 299 -0.41 -12.20 6.35
N LEU A 300 0.21 -11.27 5.65
CA LEU A 300 0.22 -11.27 4.21
C LEU A 300 1.60 -11.63 3.69
N PRO A 301 1.68 -12.32 2.55
CA PRO A 301 2.96 -12.52 1.90
C PRO A 301 3.62 -11.18 1.64
N HIS A 302 4.96 -11.18 1.70
CA HIS A 302 5.81 -10.04 1.40
C HIS A 302 5.79 -8.99 2.50
N ARG A 303 5.08 -9.20 3.59
CA ARG A 303 5.00 -8.29 4.72
CA ARG A 303 5.06 -8.28 4.71
C ARG A 303 5.69 -8.98 5.89
N PHE A 304 6.97 -8.66 6.11
CA PHE A 304 7.79 -9.30 7.15
C PHE A 304 7.51 -10.81 7.24
N GLU A 305 7.65 -11.46 6.10
CA GLU A 305 7.28 -12.86 5.92
C GLU A 305 8.52 -13.74 6.08
N VAL A 306 8.50 -14.67 7.03
CA VAL A 306 9.62 -15.59 7.17
C VAL A 306 9.46 -16.63 6.06
N VAL A 307 10.38 -16.61 5.10
CA VAL A 307 10.29 -17.56 4.00
C VAL A 307 11.18 -18.79 4.22
N LEU A 308 12.16 -18.72 5.12
CA LEU A 308 12.99 -19.88 5.44
C LEU A 308 13.58 -19.67 6.81
N GLU A 309 13.51 -20.70 7.65
CA GLU A 309 14.21 -20.70 8.93
C GLU A 309 14.96 -22.02 8.96
N HIS A 310 16.30 -21.95 8.85
CA HIS A 310 17.09 -23.15 8.71
C HIS A 310 18.51 -22.85 9.19
N ASN A 311 19.09 -23.80 9.91
CA ASN A 311 20.46 -23.70 10.40
C ASN A 311 20.66 -22.47 11.28
N GLY A 312 19.60 -22.06 11.98
CA GLY A 312 19.64 -20.94 12.89
C GLY A 312 19.54 -19.58 12.22
N VAL A 313 19.18 -19.54 10.95
CA VAL A 313 19.08 -18.29 10.20
C VAL A 313 17.65 -18.10 9.74
N ARG A 314 17.11 -16.90 9.94
CA ARG A 314 15.82 -16.52 9.40
C ARG A 314 16.02 -15.64 8.17
N TRP A 315 15.35 -16.00 7.09
CA TRP A 315 15.32 -15.24 5.86
C TRP A 315 13.94 -14.63 5.75
N ILE A 316 13.88 -13.30 5.76
CA ILE A 316 12.63 -12.57 5.90
CA ILE A 316 12.64 -12.55 5.91
C ILE A 316 12.38 -11.73 4.65
N ASN A 317 11.25 -11.98 4.01
CA ASN A 317 10.78 -11.27 2.83
C ASN A 317 9.86 -10.14 3.29
N ASP A 318 10.39 -8.93 3.31
CA ASP A 318 9.61 -7.71 3.55
C ASP A 318 9.62 -6.82 2.31
N SER A 319 9.43 -7.46 1.15
CA SER A 319 9.40 -6.73 -0.11
C SER A 319 8.36 -5.61 -0.13
N LYS A 320 7.30 -5.70 0.67
CA LYS A 320 6.31 -4.64 0.70
C LYS A 320 6.80 -3.38 1.39
N ALA A 321 7.99 -3.38 1.97
CA ALA A 321 8.57 -2.17 2.57
C ALA A 321 9.13 -1.33 1.45
N THR A 322 8.26 -0.50 0.89
CA THR A 322 8.56 0.31 -0.28
C THR A 322 8.84 1.76 0.07
N ASN A 323 8.96 2.08 1.35
CA ASN A 323 9.29 3.43 1.79
C ASN A 323 10.09 3.34 3.08
N VAL A 324 10.63 4.48 3.49
CA VAL A 324 11.50 4.53 4.65
C VAL A 324 10.73 4.13 5.91
N GLY A 325 9.50 4.59 6.07
CA GLY A 325 8.77 4.32 7.29
C GLY A 325 8.52 2.84 7.48
N SER A 326 8.31 2.12 6.39
CA SER A 326 8.07 0.68 6.45
CA SER A 326 8.05 0.70 6.54
C SER A 326 9.32 -0.07 6.89
N THR A 327 10.46 0.29 6.30
CA THR A 327 11.69 -0.34 6.73
C THR A 327 12.02 0.02 8.17
N GLU A 328 11.72 1.26 8.58
CA GLU A 328 11.92 1.62 9.97
CA GLU A 328 11.92 1.63 9.98
C GLU A 328 11.10 0.75 10.91
N ALA A 329 9.87 0.42 10.51
CA ALA A 329 9.02 -0.42 11.34
C ALA A 329 9.61 -1.82 11.46
N ALA A 330 10.31 -2.29 10.44
CA ALA A 330 10.99 -3.59 10.51
C ALA A 330 12.19 -3.52 11.45
N LEU A 331 12.97 -2.44 11.39
CA LEU A 331 14.22 -2.37 12.15
C LEU A 331 14.03 -1.93 13.58
N ASN A 332 13.00 -1.15 13.89
CA ASN A 332 12.86 -0.59 15.23
C ASN A 332 12.51 -1.70 16.22
N GLY A 333 13.40 -1.93 17.17
CA GLY A 333 13.21 -3.00 18.14
C GLY A 333 13.50 -4.39 17.63
N LEU A 334 14.08 -4.52 16.44
CA LEU A 334 14.34 -5.82 15.85
C LEU A 334 15.41 -6.54 16.67
N HIS A 335 15.16 -7.81 16.99
CA HIS A 335 16.11 -8.62 17.74
C HIS A 335 16.77 -9.62 16.79
N VAL A 336 18.09 -9.58 16.74
CA VAL A 336 18.90 -10.51 15.94
C VAL A 336 20.02 -11.00 16.86
N ASP A 337 20.20 -12.30 16.95
CA ASP A 337 21.22 -12.81 17.83
C ASP A 337 22.63 -12.56 17.29
N GLY A 338 22.81 -12.64 15.99
CA GLY A 338 24.07 -12.40 15.34
C GLY A 338 24.04 -11.15 14.50
N THR A 339 24.30 -11.31 13.21
CA THR A 339 24.41 -10.20 12.28
C THR A 339 23.16 -10.10 11.44
N LEU A 340 22.70 -8.86 11.25
CA LEU A 340 21.63 -8.54 10.32
C LEU A 340 22.25 -8.25 8.96
N HIS A 341 21.86 -9.02 7.95
CA HIS A 341 22.22 -8.78 6.55
C HIS A 341 21.02 -8.14 5.88
N LEU A 342 21.09 -6.84 5.63
CA LEU A 342 19.94 -6.05 5.22
C LEU A 342 20.07 -5.70 3.75
N LEU A 343 19.06 -6.06 2.96
CA LEU A 343 19.01 -5.78 1.54
C LEU A 343 18.16 -4.55 1.32
N LEU A 344 18.75 -3.54 0.67
CA LEU A 344 18.14 -2.24 0.42
C LEU A 344 18.29 -1.92 -1.06
N GLY A 345 17.28 -1.30 -1.62
CA GLY A 345 17.48 -0.78 -2.97
C GLY A 345 16.30 -0.88 -3.91
N GLY A 346 16.47 -0.35 -5.11
CA GLY A 346 15.39 -0.18 -6.06
C GLY A 346 15.17 1.28 -6.39
N ASP A 347 13.92 1.63 -6.68
CA ASP A 347 13.52 2.98 -7.07
C ASP A 347 13.12 3.70 -5.79
N GLY A 348 13.97 4.61 -5.33
CA GLY A 348 13.74 5.29 -4.06
C GLY A 348 12.74 6.44 -4.10
N LYS A 349 12.23 6.80 -5.26
CA LYS A 349 11.13 7.76 -5.35
C LYS A 349 11.50 9.10 -4.72
N SER A 350 12.76 9.47 -4.80
CA SER A 350 13.28 10.72 -4.26
C SER A 350 13.25 10.79 -2.73
N ALA A 351 13.14 9.66 -2.05
CA ALA A 351 13.08 9.67 -0.59
C ALA A 351 14.41 10.12 0.03
N ASP A 352 14.30 10.75 1.21
CA ASP A 352 15.45 10.93 2.09
C ASP A 352 15.60 9.68 2.94
N PHE A 353 16.68 8.93 2.73
CA PHE A 353 16.92 7.70 3.45
C PHE A 353 17.60 7.91 4.80
N SER A 354 17.97 9.14 5.13
CA SER A 354 18.75 9.38 6.35
CA SER A 354 18.74 9.41 6.36
C SER A 354 18.09 8.88 7.63
N PRO A 355 16.76 8.85 7.78
CA PRO A 355 16.19 8.33 9.03
C PRO A 355 16.56 6.90 9.32
N LEU A 356 17.00 6.13 8.33
CA LEU A 356 17.39 4.74 8.58
C LEU A 356 18.74 4.64 9.27
N ALA A 357 19.58 5.67 9.16
CA ALA A 357 20.96 5.55 9.61
C ALA A 357 21.05 5.26 11.10
N ARG A 358 20.12 5.78 11.91
CA ARG A 358 20.22 5.57 13.35
C ARG A 358 20.02 4.12 13.75
N TYR A 359 19.44 3.29 12.88
CA TYR A 359 19.27 1.87 13.17
C TYR A 359 20.44 1.02 12.72
N LEU A 360 21.44 1.62 12.07
CA LEU A 360 22.49 0.88 11.37
C LEU A 360 23.86 1.04 12.02
N ASN A 361 23.91 1.49 13.28
CA ASN A 361 25.16 1.56 14.02
C ASN A 361 25.46 0.22 14.68
N GLY A 362 26.65 0.11 15.23
CA GLY A 362 27.03 -1.11 15.90
C GLY A 362 27.67 -2.11 14.95
N ASP A 363 28.14 -3.19 15.55
CA ASP A 363 29.06 -4.11 14.89
C ASP A 363 28.36 -5.27 14.22
N ASN A 364 27.03 -5.33 14.25
CA ASN A 364 26.29 -6.52 13.84
C ASN A 364 25.34 -6.24 12.69
N VAL A 365 25.71 -5.33 11.79
CA VAL A 365 24.85 -4.98 10.66
C VAL A 365 25.70 -4.86 9.41
N ARG A 366 25.24 -5.48 8.34
CA ARG A 366 25.86 -5.39 7.02
C ARG A 366 24.78 -5.02 6.02
N LEU A 367 25.11 -4.11 5.11
CA LEU A 367 24.17 -3.64 4.11
C LEU A 367 24.55 -4.16 2.73
N TYR A 368 23.55 -4.56 1.96
CA TYR A 368 23.74 -5.03 0.59
C TYR A 368 22.75 -4.25 -0.27
N CYS A 369 23.27 -3.31 -1.06
CA CYS A 369 22.46 -2.28 -1.69
C CYS A 369 22.48 -2.46 -3.20
N PHE A 370 21.30 -2.36 -3.82
CA PHE A 370 21.20 -2.68 -5.24
C PHE A 370 20.18 -1.77 -5.91
N GLY A 371 20.02 -1.96 -7.20
CA GLY A 371 19.01 -1.23 -7.95
C GLY A 371 19.39 0.21 -8.24
N ARG A 372 18.38 0.94 -8.73
CA ARG A 372 18.62 2.29 -9.26
C ARG A 372 19.30 3.16 -8.23
N ASP A 373 18.83 3.13 -6.99
CA ASP A 373 19.32 4.04 -5.96
C ASP A 373 20.25 3.35 -4.96
N GLY A 374 20.85 2.23 -5.36
CA GLY A 374 21.73 1.50 -4.45
C GLY A 374 22.82 2.35 -3.84
N ALA A 375 23.39 3.27 -4.62
CA ALA A 375 24.53 4.03 -4.10
C ALA A 375 24.11 4.95 -2.97
N GLN A 376 22.93 5.54 -3.06
CA GLN A 376 22.41 6.41 -2.00
C GLN A 376 22.16 5.63 -0.73
N LEU A 377 21.75 4.37 -0.85
CA LEU A 377 21.55 3.54 0.33
C LEU A 377 22.87 3.11 0.93
N ALA A 378 23.84 2.74 0.10
CA ALA A 378 25.15 2.36 0.62
C ALA A 378 25.80 3.52 1.35
N ALA A 379 25.50 4.76 0.94
CA ALA A 379 26.05 5.93 1.61
C ALA A 379 25.54 6.13 3.03
N LEU A 380 24.52 5.36 3.45
CA LEU A 380 24.04 5.47 4.83
C LEU A 380 25.13 5.08 5.82
N ARG A 381 25.95 4.09 5.48
CA ARG A 381 27.10 3.69 6.29
C ARG A 381 28.07 2.91 5.40
N PRO A 382 28.91 3.62 4.65
CA PRO A 382 29.72 2.94 3.64
C PRO A 382 30.58 1.83 4.18
N GLU A 383 31.05 1.95 5.43
CA GLU A 383 32.03 0.99 5.94
C GLU A 383 31.45 -0.41 6.15
N VAL A 384 30.13 -0.55 6.19
CA VAL A 384 29.50 -1.86 6.31
C VAL A 384 28.66 -2.23 5.09
N ALA A 385 28.79 -1.49 3.99
CA ALA A 385 27.90 -1.64 2.84
C ALA A 385 28.64 -2.15 1.61
N GLU A 386 27.94 -3.00 0.86
CA GLU A 386 28.33 -3.44 -0.46
C GLU A 386 27.26 -2.99 -1.44
N GLN A 387 27.64 -2.69 -2.68
CA GLN A 387 26.69 -2.28 -3.71
C GLN A 387 26.80 -3.25 -4.89
N THR A 388 25.65 -3.72 -5.36
CA THR A 388 25.58 -4.54 -6.56
C THR A 388 24.55 -3.93 -7.49
N GLU A 389 24.52 -4.42 -8.73
CA GLU A 389 23.45 -4.02 -9.63
C GLU A 389 22.11 -4.62 -9.20
N THR A 390 22.08 -5.93 -8.92
CA THR A 390 20.82 -6.64 -8.71
C THR A 390 20.74 -7.27 -7.34
N MET A 391 19.50 -7.58 -6.97
CA MET A 391 19.24 -8.28 -5.71
C MET A 391 19.88 -9.66 -5.72
N GLU A 392 19.84 -10.36 -6.87
CA GLU A 392 20.44 -11.69 -6.93
C GLU A 392 21.93 -11.62 -6.66
N GLN A 393 22.63 -10.66 -7.27
CA GLN A 393 24.04 -10.48 -6.97
C GLN A 393 24.25 -10.23 -5.48
N ALA A 394 23.39 -9.40 -4.89
CA ALA A 394 23.56 -9.10 -3.47
C ALA A 394 23.39 -10.34 -2.62
N MET A 395 22.42 -11.18 -2.97
CA MET A 395 22.16 -12.40 -2.21
CA MET A 395 22.18 -12.39 -2.18
C MET A 395 23.31 -13.39 -2.33
N ARG A 396 23.86 -13.53 -3.54
CA ARG A 396 24.98 -14.45 -3.69
C ARG A 396 26.23 -13.94 -2.99
N LEU A 397 26.34 -12.62 -2.83
CA LEU A 397 27.46 -12.04 -2.10
C LEU A 397 27.32 -12.29 -0.60
N LEU A 398 26.11 -12.11 -0.04
CA LEU A 398 25.96 -12.21 1.39
C LEU A 398 25.88 -13.66 1.86
N ALA A 399 25.42 -14.60 1.02
CA ALA A 399 25.13 -15.92 1.53
C ALA A 399 26.32 -16.61 2.18
N PRO A 400 27.53 -16.57 1.62
CA PRO A 400 28.66 -17.22 2.31
C PRO A 400 28.97 -16.62 3.66
N ARG A 401 28.53 -15.39 3.92
CA ARG A 401 28.85 -14.68 5.15
C ARG A 401 27.84 -14.96 6.25
N VAL A 402 26.78 -15.68 5.94
CA VAL A 402 25.69 -15.91 6.91
C VAL A 402 26.11 -16.99 7.89
N GLN A 403 25.98 -16.70 9.17
CA GLN A 403 26.29 -17.59 10.26
C GLN A 403 25.05 -17.89 11.08
N PRO A 404 25.03 -19.01 11.82
CA PRO A 404 23.88 -19.30 12.68
C PRO A 404 23.63 -18.16 13.65
N GLY A 405 22.35 -17.80 13.81
CA GLY A 405 21.94 -16.67 14.60
C GLY A 405 21.71 -15.41 13.78
N ASP A 406 22.16 -15.39 12.54
CA ASP A 406 21.98 -14.21 11.70
C ASP A 406 20.55 -14.13 11.17
N MET A 407 20.22 -12.95 10.62
CA MET A 407 18.98 -12.71 9.89
C MET A 407 19.32 -12.11 8.54
N VAL A 408 18.66 -12.59 7.50
CA VAL A 408 18.74 -11.98 6.18
C VAL A 408 17.39 -11.33 5.93
N LEU A 409 17.38 -10.01 5.77
CA LEU A 409 16.15 -9.23 5.70
C LEU A 409 16.11 -8.42 4.40
N LEU A 410 15.12 -8.72 3.56
CA LEU A 410 14.80 -7.88 2.39
C LEU A 410 13.75 -6.90 2.85
N SER A 411 14.15 -5.65 3.08
CA SER A 411 13.22 -4.61 3.50
C SER A 411 13.70 -3.35 2.80
N PRO A 412 13.41 -3.22 1.51
CA PRO A 412 14.31 -2.43 0.66
C PRO A 412 14.12 -0.93 0.67
N ALA A 413 13.05 -0.42 1.27
CA ALA A 413 12.74 1.00 1.42
C ALA A 413 12.42 1.70 0.11
N CYS A 414 12.18 0.94 -0.95
CA CYS A 414 12.08 1.43 -2.33
C CYS A 414 11.05 0.61 -3.10
N ALA A 415 10.53 1.25 -4.15
CA ALA A 415 9.69 0.51 -5.09
C ALA A 415 10.54 -0.41 -5.95
N SER A 416 9.87 -1.36 -6.60
CA SER A 416 10.54 -2.44 -7.32
C SER A 416 10.58 -2.25 -8.83
N LEU A 417 9.93 -1.22 -9.38
CA LEU A 417 9.64 -1.22 -10.80
C LEU A 417 10.84 -0.90 -11.69
N ASP A 418 11.99 -0.52 -11.12
CA ASP A 418 13.17 -0.34 -11.95
C ASP A 418 13.67 -1.68 -12.47
N GLN A 419 13.42 -2.77 -11.73
CA GLN A 419 13.96 -4.08 -12.10
C GLN A 419 12.95 -5.21 -12.08
N PHE A 420 11.78 -5.03 -11.49
CA PHE A 420 10.80 -6.09 -11.33
C PHE A 420 9.44 -5.64 -11.86
N LYS A 421 8.59 -6.63 -12.15
CA LYS A 421 7.22 -6.36 -12.57
C LYS A 421 6.40 -5.76 -11.44
N ASN A 422 6.66 -6.19 -10.21
CA ASN A 422 5.90 -5.77 -9.04
C ASN A 422 6.66 -6.25 -7.81
N PHE A 423 6.25 -5.76 -6.65
CA PHE A 423 6.96 -6.11 -5.42
C PHE A 423 6.79 -7.57 -5.09
N GLU A 424 5.72 -8.21 -5.58
CA GLU A 424 5.56 -9.65 -5.35
C GLU A 424 6.62 -10.44 -6.08
N GLN A 425 6.96 -10.05 -7.30
CA GLN A 425 8.02 -10.74 -8.03
C GLN A 425 9.33 -10.60 -7.29
N ARG A 426 9.59 -9.41 -6.73
CA ARG A 426 10.81 -9.21 -5.96
C ARG A 426 10.83 -10.14 -4.75
N GLY A 427 9.73 -10.22 -4.02
CA GLY A 427 9.69 -11.09 -2.85
C GLY A 427 9.78 -12.56 -3.22
N ASN A 428 9.13 -12.94 -4.31
CA ASN A 428 9.17 -14.33 -4.74
C ASN A 428 10.58 -14.72 -5.18
N GLU A 429 11.30 -13.83 -5.87
CA GLU A 429 12.67 -14.10 -6.26
CA GLU A 429 12.67 -14.14 -6.25
C GLU A 429 13.57 -14.22 -5.04
N PHE A 430 13.38 -13.34 -4.05
CA PHE A 430 14.11 -13.44 -2.79
C PHE A 430 13.85 -14.79 -2.14
N ALA A 431 12.60 -15.22 -2.12
CA ALA A 431 12.30 -16.49 -1.47
C ALA A 431 12.96 -17.65 -2.19
N ARG A 432 12.94 -17.63 -3.53
CA ARG A 432 13.58 -18.68 -4.31
C ARG A 432 15.08 -18.72 -4.04
N LEU A 433 15.72 -17.54 -4.00
CA LEU A 433 17.15 -17.50 -3.74
C LEU A 433 17.47 -17.88 -2.30
N ALA A 434 16.62 -17.50 -1.35
CA ALA A 434 16.85 -17.89 0.04
C ALA A 434 16.84 -19.40 0.18
N LYS A 435 15.92 -20.08 -0.51
CA LYS A 435 15.86 -21.53 -0.44
C LYS A 435 17.09 -22.15 -1.08
N GLU A 436 17.54 -21.57 -2.20
CA GLU A 436 18.73 -22.10 -2.87
C GLU A 436 19.97 -21.92 -2.01
N LEU A 437 20.14 -20.73 -1.45
CA LEU A 437 21.38 -20.37 -0.77
C LEU A 437 21.38 -20.68 0.72
N GLY A 438 20.21 -20.94 1.31
CA GLY A 438 20.11 -21.05 2.75
C GLY A 438 19.70 -22.42 3.24
N GLY A 439 19.39 -23.32 2.30
CA GLY A 439 18.98 -24.66 2.67
C GLY A 439 19.86 -25.69 1.99
N HIS A 440 19.88 -26.88 2.59
CA HIS A 440 20.59 -28.04 2.05
C HIS A 440 19.96 -28.49 0.74
MG MG B . 2.54 3.94 -1.49
N1 UMA C . 3.09 4.45 -16.19
C2 UMA C . 3.75 5.12 -17.21
N3 UMA C . 2.93 5.67 -18.15
C4 UMA C . 1.56 5.65 -18.21
C5 UMA C . 0.95 4.93 -17.12
C6 UMA C . 1.72 4.37 -16.17
O2 UMA C . 4.96 5.22 -17.25
O4 UMA C . 0.96 6.18 -19.14
C1B UMA C . 3.83 3.84 -15.11
C2B UMA C . 3.63 4.61 -13.79
O2' UMA C . 4.50 5.68 -13.64
C3B UMA C . 3.83 3.56 -12.72
C4B UMA C . 3.46 2.28 -13.45
O4B UMA C . 3.32 2.58 -14.85
O3B UMA C . 5.17 3.55 -12.29
C5B UMA C . 2.20 1.64 -12.91
O5B UMA C . 1.12 2.58 -13.04
PA UMA C . -0.37 2.01 -13.29
O1A UMA C . -1.33 3.09 -12.91
O2A UMA C . -0.47 1.35 -14.62
O3A UMA C . -0.39 0.83 -12.19
PB UMA C . -1.37 -0.45 -12.15
O1B UMA C . -2.72 -0.16 -12.64
O2B UMA C . -0.65 -1.63 -12.72
O1' UMA C . -1.40 -0.66 -10.54
C1' UMA C . -2.09 0.30 -9.77
C2' UMA C . -1.26 0.55 -8.50
N2' UMA C . 0.01 1.11 -8.86
C7' UMA C . 0.27 2.41 -8.68
O7' UMA C . -0.54 3.21 -8.23
C8' UMA C . 1.65 2.84 -9.10
C3' UMA C . -1.19 -0.76 -7.73
O3' UMA C . -0.56 -0.62 -6.48
C4' UMA C . -2.62 -1.21 -7.44
O4' UMA C . -2.62 -2.47 -6.79
C5' UMA C . -3.45 -1.33 -8.73
O5' UMA C . -3.37 -0.13 -9.47
C6' UMA C . -4.92 -1.58 -8.45
O6' UMA C . -5.54 -0.48 -7.81
C18 UMA C . 0.83 -0.85 -6.46
C19 UMA C . 1.59 0.34 -5.91
O18 UMA C . 2.82 0.39 -5.93
C20 UMA C . 1.12 -2.02 -5.51
N4 UMA C . 0.86 1.32 -5.40
C21 UMA C . 1.49 2.47 -4.81
C22 UMA C . 1.92 2.13 -3.38
O19 UMA C . 2.85 2.80 -2.90
O20 UMA C . 1.36 1.18 -2.76
C23 UMA C . 0.59 3.69 -4.82
CL CL D . 6.70 -1.76 -6.23
CL CL E . -5.16 -2.96 30.53
CL CL F . -23.37 3.78 -19.25
PG ANP G . 3.56 0.34 2.14
O1G ANP G . 3.23 1.75 1.65
O2G ANP G . 3.53 0.13 3.64
O3G ANP G . 4.80 -0.25 1.47
PB ANP G . 0.71 -0.76 2.55
O1B ANP G . -0.33 -1.58 1.83
O2B ANP G . 0.30 0.59 3.04
N3B ANP G . 2.17 -0.73 1.75
PA ANP G . 1.05 -3.25 4.22
O1A ANP G . 0.09 -3.65 5.27
O2A ANP G . 1.10 -3.95 2.90
O3A ANP G . 1.00 -1.64 3.98
O5' ANP G . 2.54 -3.29 4.92
C5' ANP G . 3.60 -2.86 4.12
C4' ANP G . 4.85 -2.57 4.92
O4' ANP G . 4.56 -1.67 5.98
C3' ANP G . 5.48 -3.77 5.60
O3' ANP G . 6.86 -3.75 5.51
C2' ANP G . 4.92 -3.73 7.02
O2' ANP G . 5.82 -4.35 7.90
C1' ANP G . 4.88 -2.21 7.23
N9 ANP G . 3.85 -1.71 8.13
C8 ANP G . 2.62 -2.25 8.44
N7 ANP G . 1.94 -1.51 9.26
C5 ANP G . 2.72 -0.43 9.53
C6 ANP G . 2.55 0.73 10.34
N6 ANP G . 1.47 0.96 11.08
N1 ANP G . 3.56 1.61 10.37
C2 ANP G . 4.65 1.37 9.64
N3 ANP G . 4.92 0.34 8.86
C4 ANP G . 3.91 -0.53 8.83
N1 EPE H . 4.05 -0.93 -30.48
C2 EPE H . 4.29 0.21 -31.36
C3 EPE H . 5.79 0.42 -31.61
N4 EPE H . 6.50 0.60 -30.34
C5 EPE H . 6.22 -0.51 -29.45
C6 EPE H . 4.74 -0.69 -29.22
C7 EPE H . 7.94 0.63 -30.53
C8 EPE H . 8.52 1.84 -31.23
O8 EPE H . 9.93 1.67 -31.25
C9 EPE H . 2.63 -1.14 -30.20
C10 EPE H . 1.85 -1.58 -31.42
S EPE H . 0.32 -2.45 -30.99
O1S EPE H . -0.31 -1.64 -29.94
O2S EPE H . 0.74 -3.80 -30.53
O3S EPE H . -0.45 -2.49 -32.26
C1 GOL I . -25.51 13.46 -2.96
O1 GOL I . -24.65 12.52 -3.52
C2 GOL I . -25.24 13.57 -1.49
O2 GOL I . -23.94 14.13 -1.36
C3 GOL I . -25.28 12.28 -0.72
O3 GOL I . -26.33 12.39 0.21
C1 GOL J . -10.27 5.86 28.27
O1 GOL J . -9.88 6.79 27.28
C2 GOL J . -9.11 5.57 29.20
O2 GOL J . -8.97 4.18 29.34
C3 GOL J . -7.83 6.21 28.68
O3 GOL J . -6.78 5.78 29.51
S SO4 K . 1.05 -3.09 4.66
O1 SO4 K . 1.65 -4.36 4.16
O2 SO4 K . 0.01 -3.34 5.71
O3 SO4 K . 2.11 -2.22 5.24
O4 SO4 K . 0.39 -2.30 3.53
S SO4 L . 16.39 -26.54 10.86
O1 SO4 L . 17.77 -26.03 10.63
O2 SO4 L . 15.57 -25.56 11.65
O3 SO4 L . 15.72 -26.72 9.53
O4 SO4 L . 16.48 -27.87 11.56
#